data_6AAD
#
_entry.id   6AAD
#
_cell.length_a   100.917
_cell.length_b   43.782
_cell.length_c   72.475
_cell.angle_alpha   90.00
_cell.angle_beta   119.05
_cell.angle_gamma   90.00
#
_symmetry.space_group_name_H-M   'C 1 2 1'
#
loop_
_entity.id
_entity.type
_entity.pdbx_description
1 polymer 'Pyrrolysine--tRNA ligase'
2 non-polymer 'MAGNESIUM ION'
3 non-polymer "ADENOSINE-5'-TRIPHOSPHATE"
4 non-polymer N6-[({3-[3-(trifluoromethyl)-3H-diaziren-3-yl]phenyl}methoxy)carbonyl]-L-lysine
5 non-polymer 'POTASSIUM ION'
6 water water
#
_entity_poly.entity_id   1
_entity_poly.type   'polypeptide(L)'
_entity_poly.pdbx_seq_one_letter_code
;GSHMASAPALTKSQTDRLEVLLNPKDEISLNSGKPFRELESELLSRRKKDLQQIYAEERENYLGKLEREITRFFVDRGFL
EIKSPILIPLEYIERMGIDNDTELSKQIFRVDKNFCLRPMLAPNLANYLRKLDRALPDPIKIFEIGPCYRKESDGKEHLE
EFTMLNFCQMGSGCTRENLESIITDFLNHLGIDFKIVGDSCMVFGDTLDVMHGDLELSSAVVGPIPLDREWGIDKPWIGA
GFGLERLLKVKHDFKNIKRAARSGSYYNGISTNL
;
_entity_poly.pdbx_strand_id   A
#
loop_
_chem_comp.id
_chem_comp.type
_chem_comp.name
_chem_comp.formula
ATP non-polymer ADENOSINE-5'-TRIPHOSPHATE 'C10 H16 N5 O13 P3'
K non-polymer 'POTASSIUM ION' 'K 1'
MG non-polymer 'MAGNESIUM ION' 'Mg 2'
#
# COMPACT_ATOMS: atom_id res chain seq x y z
N PRO A 8 20.64 10.10 -34.13
CA PRO A 8 19.22 10.52 -34.08
C PRO A 8 18.73 10.67 -32.64
N ALA A 9 17.83 11.63 -32.43
CA ALA A 9 17.24 11.96 -31.14
C ALA A 9 15.88 11.29 -30.97
N LEU A 10 15.55 10.92 -29.75
CA LEU A 10 14.28 10.23 -29.49
C LEU A 10 13.17 11.23 -29.18
N THR A 11 11.98 11.01 -29.75
CA THR A 11 10.85 11.86 -29.38
C THR A 11 10.36 11.53 -27.98
N LYS A 12 9.53 12.42 -27.43
CA LYS A 12 8.89 12.15 -26.16
C LYS A 12 8.08 10.83 -26.17
N SER A 13 7.33 10.57 -27.25
CA SER A 13 6.56 9.33 -27.35
CA SER A 13 6.57 9.33 -27.33
C SER A 13 7.49 8.11 -27.35
N GLN A 14 8.64 8.23 -28.06
CA GLN A 14 9.56 7.10 -28.10
C GLN A 14 10.20 6.85 -26.76
N THR A 15 10.66 7.89 -26.07
CA THR A 15 11.21 7.72 -24.73
CA THR A 15 11.21 7.68 -24.74
C THR A 15 10.16 7.14 -23.77
N ASP A 16 8.91 7.61 -23.87
CA ASP A 16 7.87 7.07 -22.99
C ASP A 16 7.70 5.57 -23.23
N ARG A 17 7.74 5.15 -24.51
CA ARG A 17 7.59 3.73 -24.80
C ARG A 17 8.76 2.94 -24.24
N LEU A 18 9.99 3.44 -24.41
CA LEU A 18 11.13 2.74 -23.82
C LEU A 18 11.06 2.70 -22.29
N GLU A 19 10.59 3.79 -21.66
CA GLU A 19 10.50 3.78 -20.21
C GLU A 19 9.48 2.76 -19.71
N VAL A 20 8.37 2.59 -20.45
CA VAL A 20 7.40 1.56 -20.10
C VAL A 20 8.05 0.17 -20.11
N LEU A 21 8.92 -0.07 -21.11
CA LEU A 21 9.58 -1.39 -21.27
C LEU A 21 10.81 -1.57 -20.40
N LEU A 22 11.36 -0.52 -19.82
CA LEU A 22 12.57 -0.61 -19.04
C LEU A 22 12.24 -1.09 -17.64
N ASN A 23 13.11 -1.91 -17.08
CA ASN A 23 12.92 -2.35 -15.69
C ASN A 23 14.12 -1.95 -14.87
N PRO A 24 13.98 -1.84 -13.54
CA PRO A 24 15.11 -1.33 -12.74
C PRO A 24 16.42 -2.11 -12.88
N LYS A 25 16.35 -3.42 -13.14
CA LYS A 25 17.56 -4.23 -13.25
C LYS A 25 18.32 -3.98 -14.53
N ASP A 26 17.70 -3.37 -15.54
CA ASP A 26 18.40 -3.13 -16.80
C ASP A 26 19.43 -2.04 -16.59
N GLU A 27 20.58 -2.21 -17.22
CA GLU A 27 21.52 -1.11 -17.41
C GLU A 27 21.54 -0.83 -18.90
N ILE A 28 20.64 0.03 -19.34
CA ILE A 28 20.51 0.44 -20.74
C ILE A 28 20.32 1.94 -20.74
N SER A 29 21.16 2.64 -21.47
CA SER A 29 20.99 4.07 -21.68
C SER A 29 20.04 4.29 -22.86
N LEU A 30 18.94 4.98 -22.62
CA LEU A 30 18.02 5.31 -23.70
C LEU A 30 18.60 6.36 -24.64
N ASN A 31 19.59 7.14 -24.17
CA ASN A 31 20.18 8.24 -24.94
C ASN A 31 21.60 7.92 -25.41
N SER A 32 21.88 6.67 -25.75
CA SER A 32 23.22 6.28 -26.16
C SER A 32 23.50 6.57 -27.63
N GLY A 33 22.49 6.99 -28.41
CA GLY A 33 22.62 7.17 -29.84
C GLY A 33 22.15 5.98 -30.66
N LYS A 34 22.00 4.83 -30.03
CA LYS A 34 21.43 3.67 -30.72
C LYS A 34 19.98 3.98 -31.05
N PRO A 35 19.48 3.50 -32.18
CA PRO A 35 18.16 3.94 -32.65
C PRO A 35 17.05 3.33 -31.80
N PHE A 36 15.93 4.05 -31.79
CA PHE A 36 14.75 3.61 -31.08
C PHE A 36 14.42 2.17 -31.43
N ARG A 37 14.49 1.82 -32.72
CA ARG A 37 14.06 0.47 -33.14
C ARG A 37 14.86 -0.61 -32.42
N GLU A 38 16.17 -0.41 -32.23
CA GLU A 38 16.97 -1.45 -31.56
C GLU A 38 16.78 -1.47 -30.06
N LEU A 39 16.64 -0.30 -29.44
CA LEU A 39 16.35 -0.26 -28.02
C LEU A 39 15.00 -0.92 -27.73
N GLU A 40 14.00 -0.61 -28.54
CA GLU A 40 12.69 -1.21 -28.30
C GLU A 40 12.75 -2.71 -28.51
N SER A 41 13.42 -3.17 -29.57
CA SER A 41 13.47 -4.61 -29.80
CA SER A 41 13.46 -4.61 -29.80
CA SER A 41 13.48 -4.61 -29.81
C SER A 41 14.19 -5.34 -28.69
N GLU A 42 15.30 -4.77 -28.19
CA GLU A 42 16.01 -5.37 -27.07
C GLU A 42 15.14 -5.45 -25.84
N LEU A 43 14.44 -4.36 -25.51
CA LEU A 43 13.67 -4.38 -24.27
C LEU A 43 12.43 -5.26 -24.41
N LEU A 44 11.81 -5.30 -25.60
CA LEU A 44 10.69 -6.22 -25.80
C LEU A 44 11.12 -7.66 -25.59
N SER A 45 12.32 -8.00 -26.09
CA SER A 45 12.82 -9.37 -25.93
CA SER A 45 12.82 -9.37 -25.92
CA SER A 45 12.81 -9.36 -25.92
C SER A 45 13.08 -9.69 -24.46
N ARG A 46 13.69 -8.75 -23.72
CA ARG A 46 13.92 -8.98 -22.30
C ARG A 46 12.61 -9.15 -21.55
N ARG A 47 11.61 -8.31 -21.85
CA ARG A 47 10.36 -8.36 -21.10
C ARG A 47 9.54 -9.60 -21.44
N LYS A 48 9.53 -10.03 -22.68
CA LYS A 48 8.89 -11.29 -23.02
C LYS A 48 9.54 -12.45 -22.28
N LYS A 49 10.89 -12.51 -22.28
N LYS A 49 10.88 -12.49 -22.23
CA LYS A 49 11.60 -13.51 -21.48
CA LYS A 49 11.56 -13.53 -21.48
C LYS A 49 11.21 -13.45 -20.00
C LYS A 49 11.28 -13.45 -19.98
N ASP A 50 11.13 -12.25 -19.43
CA ASP A 50 10.80 -12.13 -18.02
C ASP A 50 9.39 -12.68 -17.74
N LEU A 51 8.41 -12.31 -18.58
CA LEU A 51 7.05 -12.81 -18.42
C LEU A 51 6.97 -14.31 -18.65
N GLN A 52 7.68 -14.83 -19.63
CA GLN A 52 7.70 -16.28 -19.86
C GLN A 52 8.26 -17.03 -18.66
N GLN A 53 9.28 -16.47 -18.02
CA GLN A 53 9.84 -17.08 -16.81
C GLN A 53 8.84 -17.09 -15.68
N ILE A 54 8.12 -15.98 -15.46
CA ILE A 54 7.08 -15.95 -14.44
C ILE A 54 6.02 -17.00 -14.71
N TYR A 55 5.61 -17.10 -15.98
CA TYR A 55 4.54 -18.03 -16.33
C TYR A 55 5.00 -19.46 -16.14
N ALA A 56 6.27 -19.74 -16.46
CA ALA A 56 6.78 -21.11 -16.38
C ALA A 56 7.02 -21.53 -14.94
N GLU A 57 7.39 -20.60 -14.05
CA GLU A 57 8.00 -20.98 -12.78
C GLU A 57 7.37 -20.43 -11.51
N GLU A 58 6.53 -19.39 -11.58
CA GLU A 58 6.07 -18.80 -10.33
C GLU A 58 4.56 -18.58 -10.35
N ARG A 59 4.11 -17.80 -11.31
CA ARG A 59 2.71 -17.54 -11.60
C ARG A 59 1.98 -16.74 -10.53
N GLU A 60 2.67 -16.22 -9.53
CA GLU A 60 2.00 -15.47 -8.47
C GLU A 60 2.13 -13.96 -8.69
N ASN A 61 1.01 -13.26 -8.49
CA ASN A 61 0.96 -11.83 -8.63
C ASN A 61 1.65 -11.15 -7.43
N TYR A 62 2.43 -10.10 -7.66
CA TYR A 62 3.16 -9.48 -6.55
C TYR A 62 2.24 -8.98 -5.45
N LEU A 63 1.11 -8.38 -5.80
CA LEU A 63 0.22 -7.83 -4.77
C LEU A 63 -0.46 -8.97 -4.01
N GLY A 64 -0.91 -10.01 -4.71
CA GLY A 64 -1.51 -11.14 -4.03
C GLY A 64 -0.53 -11.85 -3.14
N LYS A 65 0.68 -12.10 -3.65
CA LYS A 65 1.72 -12.80 -2.89
C LYS A 65 2.12 -12.01 -1.63
N LEU A 66 2.25 -10.68 -1.73
CA LEU A 66 2.62 -9.89 -0.56
C LEU A 66 1.47 -9.87 0.43
N GLU A 67 0.21 -9.80 -0.03
CA GLU A 67 -0.91 -9.93 0.91
C GLU A 67 -0.84 -11.26 1.64
N ARG A 68 -0.53 -12.36 0.94
CA ARG A 68 -0.48 -13.65 1.62
C ARG A 68 0.66 -13.69 2.63
N GLU A 69 1.83 -13.15 2.29
CA GLU A 69 2.97 -13.16 3.19
C GLU A 69 2.68 -12.33 4.44
N ILE A 70 2.09 -11.16 4.26
CA ILE A 70 1.72 -10.32 5.40
C ILE A 70 0.69 -11.00 6.26
N THR A 71 -0.31 -11.62 5.63
CA THR A 71 -1.35 -12.35 6.38
C THR A 71 -0.72 -13.42 7.24
N ARG A 72 0.20 -14.22 6.72
CA ARG A 72 0.85 -15.23 7.55
C ARG A 72 1.59 -14.59 8.71
N PHE A 73 2.30 -13.49 8.48
CA PHE A 73 3.05 -12.83 9.54
C PHE A 73 2.12 -12.46 10.70
N PHE A 74 1.02 -11.77 10.39
CA PHE A 74 0.13 -11.33 11.46
C PHE A 74 -0.66 -12.47 12.11
N VAL A 75 -1.18 -13.42 11.33
CA VAL A 75 -1.87 -14.57 11.90
C VAL A 75 -0.95 -15.32 12.85
N ASP A 76 0.32 -15.49 12.48
CA ASP A 76 1.25 -16.22 13.33
C ASP A 76 1.58 -15.46 14.60
N ARG A 77 1.40 -14.15 14.63
CA ARG A 77 1.66 -13.35 15.81
CA ARG A 77 1.66 -13.35 15.81
C ARG A 77 0.41 -13.09 16.64
N GLY A 78 -0.68 -13.79 16.34
CA GLY A 78 -1.86 -13.71 17.17
C GLY A 78 -2.89 -12.70 16.75
N PHE A 79 -2.85 -12.16 15.54
CA PHE A 79 -3.84 -11.21 15.08
C PHE A 79 -4.87 -11.96 14.25
N LEU A 80 -6.15 -11.59 14.48
CA LEU A 80 -7.27 -12.17 13.74
C LEU A 80 -7.40 -11.47 12.38
N GLU A 81 -7.54 -12.28 11.32
CA GLU A 81 -7.63 -11.75 9.94
C GLU A 81 -9.06 -11.29 9.68
N ILE A 82 -9.21 -10.03 9.31
CA ILE A 82 -10.50 -9.40 9.01
C ILE A 82 -10.67 -9.21 7.51
N LYS A 83 -11.88 -9.41 7.02
CA LYS A 83 -12.24 -8.96 5.66
C LYS A 83 -13.57 -8.25 5.83
N SER A 84 -13.54 -6.93 5.69
CA SER A 84 -14.73 -6.12 5.92
C SER A 84 -15.15 -5.40 4.66
N PRO A 85 -16.29 -4.74 4.65
CA PRO A 85 -16.77 -4.12 3.39
C PRO A 85 -15.84 -3.06 2.84
N ILE A 86 -15.73 -3.06 1.52
CA ILE A 86 -15.03 -1.97 0.81
C ILE A 86 -15.98 -0.82 0.56
N LEU A 87 -17.27 -1.09 0.31
CA LEU A 87 -18.28 -0.05 0.16
C LEU A 87 -18.85 0.23 1.56
N ILE A 88 -18.70 1.46 2.06
CA ILE A 88 -19.02 1.78 3.46
C ILE A 88 -19.94 3.00 3.51
N PRO A 89 -20.65 3.19 4.62
CA PRO A 89 -21.51 4.37 4.73
C PRO A 89 -20.71 5.65 4.68
N LEU A 90 -21.23 6.61 3.93
CA LEU A 90 -20.65 7.94 3.95
C LEU A 90 -20.67 8.54 5.36
N GLU A 91 -21.63 8.13 6.18
CA GLU A 91 -21.68 8.55 7.58
C GLU A 91 -20.38 8.24 8.31
N TYR A 92 -19.69 7.16 7.93
CA TYR A 92 -18.44 6.83 8.61
C TYR A 92 -17.39 7.91 8.37
N ILE A 93 -17.44 8.55 7.21
CA ILE A 93 -16.48 9.61 6.88
C ILE A 93 -16.65 10.77 7.85
N GLU A 94 -17.90 11.20 8.05
CA GLU A 94 -18.21 12.27 8.99
C GLU A 94 -17.80 11.91 10.40
N ARG A 95 -18.12 10.69 10.84
CA ARG A 95 -17.85 10.27 12.21
C ARG A 95 -16.37 10.11 12.51
N MET A 96 -15.53 10.02 11.49
N MET A 96 -15.53 10.05 11.49
CA MET A 96 -14.09 9.96 11.65
CA MET A 96 -14.09 9.98 11.68
C MET A 96 -13.44 11.34 11.68
C MET A 96 -13.45 11.36 11.72
N GLY A 97 -14.24 12.42 11.69
CA GLY A 97 -13.69 13.76 11.67
C GLY A 97 -13.07 14.14 10.35
N ILE A 98 -13.58 13.61 9.24
CA ILE A 98 -13.12 14.02 7.90
C ILE A 98 -14.10 15.10 7.45
N ASP A 99 -13.89 16.31 7.97
CA ASP A 99 -14.86 17.37 7.77
C ASP A 99 -14.86 17.85 6.33
N ASN A 100 -16.04 18.18 5.84
CA ASN A 100 -16.23 18.70 4.50
C ASN A 100 -15.41 19.98 4.30
N LEU A 104 -8.98 15.42 2.56
CA LEU A 104 -9.30 13.99 2.48
C LEU A 104 -10.79 13.80 2.17
N SER A 105 -11.62 14.74 2.61
CA SER A 105 -13.04 14.67 2.25
C SER A 105 -13.24 14.84 0.75
N LYS A 106 -12.40 15.63 0.11
CA LYS A 106 -12.43 15.81 -1.34
C LYS A 106 -11.88 14.61 -2.07
N GLN A 107 -11.18 13.73 -1.36
CA GLN A 107 -10.62 12.55 -1.99
C GLN A 107 -11.57 11.36 -2.00
N ILE A 108 -12.79 11.50 -1.49
CA ILE A 108 -13.66 10.35 -1.31
C ILE A 108 -14.42 10.07 -2.60
N PHE A 109 -14.39 8.80 -3.03
CA PHE A 109 -15.23 8.38 -4.15
C PHE A 109 -16.62 8.05 -3.62
N ARG A 110 -17.62 8.79 -4.06
CA ARG A 110 -18.98 8.54 -3.61
C ARG A 110 -19.62 7.48 -4.49
N VAL A 111 -20.46 6.65 -3.88
CA VAL A 111 -21.23 5.63 -4.58
C VAL A 111 -22.69 5.82 -4.20
N ASP A 112 -23.54 6.07 -5.21
N ASP A 112 -23.55 6.00 -5.20
CA ASP A 112 -24.96 6.34 -5.00
CA ASP A 112 -24.97 6.32 -4.99
C ASP A 112 -25.14 7.55 -4.08
C ASP A 112 -25.06 7.50 -4.02
N LYS A 113 -25.96 7.47 -3.03
CA LYS A 113 -26.29 8.62 -2.20
C LYS A 113 -25.72 8.54 -0.78
N ASN A 114 -25.69 7.37 -0.17
CA ASN A 114 -25.28 7.26 1.23
C ASN A 114 -24.01 6.44 1.44
N PHE A 115 -23.33 6.02 0.38
CA PHE A 115 -22.17 5.13 0.50
C PHE A 115 -20.96 5.68 -0.24
N CYS A 116 -19.80 5.13 0.09
CA CYS A 116 -18.58 5.54 -0.60
C CYS A 116 -17.62 4.36 -0.65
N LEU A 117 -16.57 4.48 -1.45
CA LEU A 117 -15.49 3.54 -1.37
C LEU A 117 -14.59 3.90 -0.18
N ARG A 118 -14.30 2.94 0.67
CA ARG A 118 -13.51 3.28 1.85
C ARG A 118 -12.15 3.87 1.46
N PRO A 119 -11.74 4.99 2.09
CA PRO A 119 -10.39 5.53 1.86
C PRO A 119 -9.37 5.03 2.84
N MET A 120 -9.82 4.23 3.81
CA MET A 120 -8.93 3.67 4.83
C MET A 120 -9.67 2.53 5.47
N LEU A 121 -8.94 1.70 6.20
CA LEU A 121 -9.53 0.54 6.89
C LEU A 121 -9.96 0.86 8.30
N ALA A 122 -9.52 1.99 8.86
CA ALA A 122 -9.69 2.24 10.30
C ALA A 122 -11.12 2.15 10.81
N PRO A 123 -12.14 2.76 10.18
CA PRO A 123 -13.48 2.71 10.80
C PRO A 123 -14.03 1.30 10.93
N ASN A 124 -13.84 0.44 9.92
CA ASN A 124 -14.36 -0.92 10.05
C ASN A 124 -13.60 -1.68 11.13
N LEU A 125 -12.32 -1.39 11.27
CA LEU A 125 -11.51 -2.06 12.31
C LEU A 125 -11.88 -1.55 13.69
N ALA A 126 -12.22 -0.26 13.83
CA ALA A 126 -12.68 0.23 15.12
C ALA A 126 -13.95 -0.49 15.52
N ASN A 127 -14.86 -0.70 14.57
CA ASN A 127 -16.08 -1.45 14.87
C ASN A 127 -15.76 -2.88 15.33
N TYR A 128 -14.83 -3.54 14.66
CA TYR A 128 -14.46 -4.89 15.06
C TYR A 128 -13.82 -4.92 16.43
N LEU A 129 -12.92 -3.98 16.72
CA LEU A 129 -12.31 -3.97 18.05
C LEU A 129 -13.37 -3.86 19.14
N ARG A 130 -14.34 -2.96 18.96
CA ARG A 130 -15.40 -2.77 19.95
C ARG A 130 -16.19 -4.05 20.12
N LYS A 131 -16.61 -4.65 18.99
CA LYS A 131 -17.46 -5.84 19.09
C LYS A 131 -16.71 -7.03 19.67
N LEU A 132 -15.48 -7.27 19.20
CA LEU A 132 -14.73 -8.44 19.68
C LEU A 132 -14.34 -8.33 21.14
N ASP A 133 -14.21 -7.11 21.66
CA ASP A 133 -13.85 -6.95 23.06
C ASP A 133 -14.90 -7.54 23.98
N ARG A 134 -16.13 -7.75 23.50
CA ARG A 134 -17.18 -8.37 24.29
C ARG A 134 -17.04 -9.88 24.37
N ALA A 135 -16.14 -10.47 23.57
CA ALA A 135 -16.13 -11.92 23.42
C ALA A 135 -14.74 -12.52 23.61
N LEU A 136 -13.70 -11.76 23.32
CA LEU A 136 -12.35 -12.32 23.23
C LEU A 136 -11.50 -11.85 24.42
N PRO A 137 -10.47 -12.63 24.79
CA PRO A 137 -9.60 -12.22 25.89
C PRO A 137 -8.70 -11.07 25.51
N ASP A 138 -8.38 -10.24 26.48
CA ASP A 138 -7.40 -9.19 26.31
C ASP A 138 -6.01 -9.76 26.05
N PRO A 139 -5.26 -9.15 25.11
CA PRO A 139 -5.65 -8.01 24.28
C PRO A 139 -6.30 -8.45 22.98
N ILE A 140 -7.07 -7.55 22.37
CA ILE A 140 -7.68 -7.80 21.07
C ILE A 140 -6.71 -7.37 19.98
N LYS A 141 -6.36 -8.30 19.10
CA LYS A 141 -5.37 -8.05 18.05
C LYS A 141 -6.00 -8.48 16.72
N ILE A 142 -6.10 -7.55 15.77
CA ILE A 142 -6.77 -7.81 14.49
C ILE A 142 -6.00 -7.08 13.39
N PHE A 143 -6.24 -7.49 12.14
CA PHE A 143 -5.64 -6.78 11.02
C PHE A 143 -6.51 -7.03 9.81
N GLU A 144 -6.38 -6.13 8.82
CA GLU A 144 -7.04 -6.32 7.54
C GLU A 144 -6.10 -5.85 6.44
N ILE A 145 -6.17 -6.52 5.28
CA ILE A 145 -5.52 -6.10 4.04
C ILE A 145 -6.59 -6.01 3.00
N GLY A 146 -6.64 -4.90 2.27
CA GLY A 146 -7.52 -4.87 1.12
C GLY A 146 -7.58 -3.52 0.42
N PRO A 147 -8.41 -3.44 -0.59
CA PRO A 147 -8.44 -2.22 -1.43
C PRO A 147 -8.97 -1.04 -0.63
N CYS A 148 -8.39 0.13 -0.91
CA CYS A 148 -8.85 1.43 -0.46
C CYS A 148 -8.71 2.42 -1.60
N TYR A 149 -9.45 3.53 -1.52
CA TYR A 149 -9.66 4.42 -2.67
C TYR A 149 -9.56 5.86 -2.24
N ARG A 150 -8.79 6.65 -2.98
CA ARG A 150 -8.73 8.09 -2.77
C ARG A 150 -8.52 8.75 -4.12
N LYS A 151 -9.23 9.86 -4.35
CA LYS A 151 -8.92 10.68 -5.52
C LYS A 151 -7.59 11.38 -5.23
N GLU A 152 -6.61 11.20 -6.10
CA GLU A 152 -5.33 11.84 -5.88
C GLU A 152 -4.88 12.64 -7.10
N SER A 153 -4.12 13.71 -6.84
CA SER A 153 -3.33 14.37 -7.88
C SER A 153 -2.18 13.44 -8.20
N ASP A 154 -2.29 12.73 -9.31
CA ASP A 154 -1.48 11.54 -9.53
C ASP A 154 -0.01 11.89 -9.61
N GLY A 155 0.79 11.14 -8.85
CA GLY A 155 2.23 11.27 -8.86
C GLY A 155 2.85 9.89 -8.83
N LYS A 156 4.15 9.82 -8.52
CA LYS A 156 4.87 8.56 -8.50
C LYS A 156 4.69 7.76 -7.23
N GLU A 157 3.95 8.28 -6.23
CA GLU A 157 3.72 7.58 -4.97
C GLU A 157 2.25 7.43 -4.60
N HIS A 158 1.33 7.91 -5.43
CA HIS A 158 -0.08 7.84 -5.12
C HIS A 158 -0.84 7.14 -6.23
N LEU A 159 -1.75 6.26 -5.83
CA LEU A 159 -2.70 5.62 -6.71
C LEU A 159 -4.12 5.95 -6.26
N GLU A 160 -5.07 5.92 -7.18
CA GLU A 160 -6.46 6.10 -6.77
C GLU A 160 -7.01 4.84 -6.14
N GLU A 161 -6.53 3.67 -6.57
CA GLU A 161 -6.95 2.38 -6.07
C GLU A 161 -5.68 1.74 -5.53
N PHE A 162 -5.60 1.57 -4.22
CA PHE A 162 -4.40 1.00 -3.60
C PHE A 162 -4.85 -0.03 -2.59
N THR A 163 -3.89 -0.65 -1.94
CA THR A 163 -4.12 -1.77 -1.04
C THR A 163 -3.51 -1.39 0.31
N MET A 164 -4.32 -1.37 1.35
N MET A 164 -4.33 -1.41 1.35
CA MET A 164 -3.81 -0.98 2.66
CA MET A 164 -3.90 -1.03 2.70
C MET A 164 -3.82 -2.18 3.59
C MET A 164 -3.76 -2.28 3.54
N LEU A 165 -2.74 -2.30 4.38
CA LEU A 165 -2.72 -3.16 5.58
C LEU A 165 -2.96 -2.25 6.76
N ASN A 166 -3.84 -2.65 7.69
CA ASN A 166 -3.91 -2.01 9.00
C ASN A 166 -3.91 -3.12 10.02
N PHE A 167 -2.99 -3.06 10.95
CA PHE A 167 -3.02 -3.91 12.14
C PHE A 167 -3.25 -3.03 13.35
N CYS A 168 -3.95 -3.58 14.34
CA CYS A 168 -4.26 -2.81 15.52
C CYS A 168 -4.45 -3.74 16.69
N GLN A 169 -4.39 -3.17 17.88
CA GLN A 169 -4.47 -3.91 19.13
C GLN A 169 -5.21 -3.01 20.10
N MET A 170 -6.02 -3.61 20.97
CA MET A 170 -6.74 -2.88 22.01
C MET A 170 -6.69 -3.65 23.32
N GLY A 171 -6.38 -2.92 24.39
CA GLY A 171 -6.30 -3.49 25.73
C GLY A 171 -4.90 -3.32 26.28
N SER A 172 -4.38 -4.40 26.86
CA SER A 172 -3.02 -4.32 27.37
C SER A 172 -2.03 -4.30 26.22
N GLY A 173 -0.82 -3.87 26.57
CA GLY A 173 0.28 -3.86 25.63
C GLY A 173 0.16 -2.80 24.56
N CYS A 174 -0.67 -1.80 24.75
CA CYS A 174 -0.90 -0.78 23.73
C CYS A 174 -0.06 0.47 24.00
N THR A 175 1.26 0.28 23.88
CA THR A 175 2.22 1.32 24.16
C THR A 175 2.99 1.71 22.90
N ARG A 176 3.60 2.90 22.94
CA ARG A 176 4.43 3.32 21.82
CA ARG A 176 4.43 3.31 21.81
C ARG A 176 5.53 2.31 21.54
N GLU A 177 6.18 1.79 22.59
CA GLU A 177 7.29 0.87 22.36
C GLU A 177 6.82 -0.44 21.74
N ASN A 178 5.66 -0.96 22.13
CA ASN A 178 5.17 -2.16 21.49
C ASN A 178 4.79 -1.89 20.04
N LEU A 179 4.14 -0.75 19.77
CA LEU A 179 3.81 -0.42 18.38
C LEU A 179 5.07 -0.36 17.52
N GLU A 180 6.09 0.35 18.02
CA GLU A 180 7.35 0.42 17.28
C GLU A 180 7.96 -0.96 17.12
N SER A 181 7.85 -1.81 18.13
CA SER A 181 8.42 -3.15 18.01
CA SER A 181 8.43 -3.15 18.00
C SER A 181 7.74 -3.99 16.93
N ILE A 182 6.42 -3.88 16.80
CA ILE A 182 5.70 -4.62 15.78
C ILE A 182 6.07 -4.09 14.40
N ILE A 183 6.09 -2.78 14.24
CA ILE A 183 6.52 -2.19 12.97
C ILE A 183 7.92 -2.68 12.61
N THR A 184 8.83 -2.67 13.58
CA THR A 184 10.20 -3.09 13.33
C THR A 184 10.25 -4.56 12.92
N ASP A 185 9.60 -5.43 13.64
CA ASP A 185 9.61 -6.84 13.28
C ASP A 185 9.00 -7.05 11.90
N PHE A 186 7.92 -6.33 11.60
CA PHE A 186 7.27 -6.43 10.30
C PHE A 186 8.18 -5.99 9.16
N LEU A 187 8.77 -4.80 9.25
CA LEU A 187 9.61 -4.34 8.15
C LEU A 187 10.93 -5.11 8.09
N ASN A 188 11.46 -5.60 9.21
CA ASN A 188 12.60 -6.50 9.16
C ASN A 188 12.24 -7.79 8.41
N HIS A 189 11.04 -8.31 8.63
CA HIS A 189 10.60 -9.52 7.92
C HIS A 189 10.59 -9.29 6.41
N LEU A 190 10.15 -8.10 5.96
CA LEU A 190 10.15 -7.76 4.55
C LEU A 190 11.50 -7.30 4.04
N GLY A 191 12.49 -7.07 4.90
CA GLY A 191 13.79 -6.61 4.46
C GLY A 191 13.83 -5.14 4.08
N ILE A 192 12.97 -4.32 4.65
CA ILE A 192 12.88 -2.90 4.29
C ILE A 192 13.42 -2.03 5.44
N ASP A 193 14.44 -1.22 5.13
CA ASP A 193 14.98 -0.25 6.07
C ASP A 193 14.01 0.91 6.26
N PHE A 194 13.97 1.48 7.45
CA PHE A 194 13.07 2.60 7.68
C PHE A 194 13.56 3.42 8.87
N LYS A 195 12.91 4.58 9.03
CA LYS A 195 13.05 5.41 10.23
C LYS A 195 11.65 5.87 10.65
N ILE A 196 11.51 6.31 11.90
CA ILE A 196 10.23 6.80 12.41
C ILE A 196 10.35 8.30 12.66
N VAL A 197 9.39 9.05 12.13
CA VAL A 197 9.37 10.50 12.31
C VAL A 197 8.01 10.90 12.86
N GLY A 198 7.97 11.98 13.61
CA GLY A 198 6.68 12.50 14.05
C GLY A 198 5.99 13.26 12.92
N ASP A 199 4.69 12.99 12.76
CA ASP A 199 3.86 13.83 11.91
C ASP A 199 2.51 14.02 12.58
N SER A 200 1.60 14.68 11.87
CA SER A 200 0.27 14.94 12.40
C SER A 200 -0.71 14.85 11.26
N CYS A 201 -1.89 14.32 11.54
CA CYS A 201 -2.94 14.26 10.55
C CYS A 201 -4.27 14.67 11.21
N MET A 202 -5.27 14.91 10.37
CA MET A 202 -6.53 15.47 10.85
C MET A 202 -7.37 14.44 11.61
N VAL A 203 -7.36 13.18 11.19
CA VAL A 203 -8.22 12.17 11.81
C VAL A 203 -7.71 11.78 13.19
N PHE A 204 -6.41 11.51 13.30
CA PHE A 204 -5.86 10.92 14.51
C PHE A 204 -5.01 11.86 15.35
N GLY A 205 -4.62 13.00 14.81
CA GLY A 205 -3.67 13.86 15.48
C GLY A 205 -2.24 13.45 15.18
N ASP A 206 -1.41 13.38 16.23
CA ASP A 206 -0.02 13.02 16.06
C ASP A 206 0.10 11.60 15.55
N THR A 207 0.96 11.42 14.57
CA THR A 207 1.25 10.07 14.10
C THR A 207 2.74 9.81 14.23
N LEU A 208 3.08 8.55 14.30
CA LEU A 208 4.43 8.10 14.04
C LEU A 208 4.45 7.69 12.57
N ASP A 209 5.09 8.48 11.72
CA ASP A 209 5.17 8.09 10.31
C ASP A 209 6.41 7.26 10.11
N VAL A 210 6.23 6.14 9.39
CA VAL A 210 7.28 5.19 9.07
C VAL A 210 7.78 5.55 7.68
N MET A 211 9.04 5.98 7.60
CA MET A 211 9.62 6.53 6.37
C MET A 211 10.71 5.63 5.81
N HIS A 212 10.71 5.44 4.49
CA HIS A 212 11.87 4.88 3.78
C HIS A 212 12.36 6.03 2.93
N GLY A 213 13.45 6.67 3.36
CA GLY A 213 13.84 7.91 2.68
C GLY A 213 12.73 8.94 2.81
N ASP A 214 12.35 9.56 1.70
N ASP A 214 12.34 9.54 1.70
CA ASP A 214 11.23 10.49 1.74
CA ASP A 214 11.24 10.49 1.72
C ASP A 214 9.90 9.84 1.38
C ASP A 214 9.89 9.84 1.45
N LEU A 215 9.84 8.51 1.36
CA LEU A 215 8.61 7.80 1.04
C LEU A 215 7.93 7.35 2.34
N GLU A 216 6.69 7.80 2.54
CA GLU A 216 5.89 7.40 3.70
C GLU A 216 5.34 6.00 3.48
N LEU A 217 5.81 5.06 4.31
CA LEU A 217 5.24 3.72 4.22
C LEU A 217 4.02 3.56 5.08
N SER A 218 3.97 4.27 6.20
CA SER A 218 2.87 4.10 7.14
C SER A 218 2.67 5.34 7.99
N SER A 219 1.43 5.55 8.43
CA SER A 219 1.12 6.35 9.62
C SER A 219 0.59 5.43 10.70
N ALA A 220 1.04 5.66 11.92
CA ALA A 220 0.68 4.82 13.06
C ALA A 220 0.29 5.71 14.22
N VAL A 221 -0.53 5.17 15.10
CA VAL A 221 -1.16 5.98 16.14
C VAL A 221 -1.14 5.21 17.44
N VAL A 222 -0.83 5.91 18.55
CA VAL A 222 -1.01 5.36 19.89
C VAL A 222 -2.22 6.07 20.48
N GLY A 223 -3.27 5.33 20.75
CA GLY A 223 -4.41 5.89 21.43
C GLY A 223 -4.20 5.89 22.92
N PRO A 224 -5.22 6.26 23.68
CA PRO A 224 -6.52 6.73 23.22
C PRO A 224 -6.48 8.13 22.61
N ILE A 225 -7.48 8.45 21.79
CA ILE A 225 -7.67 9.80 21.26
C ILE A 225 -9.13 10.17 21.49
N PRO A 226 -9.45 11.48 21.53
CA PRO A 226 -10.85 11.87 21.76
C PRO A 226 -11.87 11.28 20.78
N LEU A 227 -11.47 11.00 19.54
CA LEU A 227 -12.37 10.38 18.56
C LEU A 227 -12.90 9.02 19.02
N ASP A 228 -12.21 8.35 19.96
CA ASP A 228 -12.62 7.01 20.37
C ASP A 228 -14.08 6.98 20.83
N ARG A 229 -14.52 8.02 21.55
CA ARG A 229 -15.86 8.00 22.11
C ARG A 229 -16.92 7.84 21.03
N GLU A 230 -16.74 8.49 19.88
CA GLU A 230 -17.66 8.40 18.75
C GLU A 230 -17.73 7.00 18.15
N TRP A 231 -16.76 6.12 18.46
CA TRP A 231 -16.70 4.76 17.93
C TRP A 231 -16.89 3.73 19.02
N GLY A 232 -17.24 4.16 20.23
CA GLY A 232 -17.42 3.19 21.29
C GLY A 232 -16.13 2.52 21.72
N ILE A 233 -14.99 3.16 21.48
CA ILE A 233 -13.69 2.62 21.89
C ILE A 233 -13.36 3.24 23.23
N ASP A 234 -13.04 2.39 24.19
CA ASP A 234 -12.88 2.90 25.54
C ASP A 234 -11.72 2.24 26.25
N LYS A 235 -10.73 1.79 25.51
CA LYS A 235 -9.51 1.23 26.06
C LYS A 235 -8.32 1.78 25.28
N PRO A 236 -7.11 1.64 25.81
CA PRO A 236 -5.92 1.98 25.03
C PRO A 236 -5.85 1.12 23.79
N TRP A 237 -5.22 1.67 22.76
CA TRP A 237 -5.12 0.96 21.50
C TRP A 237 -3.90 1.48 20.75
N ILE A 238 -3.42 0.68 19.81
CA ILE A 238 -2.36 1.10 18.89
C ILE A 238 -2.73 0.58 17.52
N GLY A 239 -2.27 1.26 16.47
CA GLY A 239 -2.57 0.77 15.13
C GLY A 239 -1.66 1.43 14.12
N ALA A 240 -1.54 0.79 12.95
CA ALA A 240 -0.75 1.36 11.87
C ALA A 240 -1.33 0.95 10.53
N GLY A 241 -1.33 1.88 9.58
CA GLY A 241 -1.73 1.57 8.21
C GLY A 241 -0.60 1.72 7.23
N PHE A 242 -0.43 0.72 6.38
CA PHE A 242 0.65 0.62 5.39
C PHE A 242 0.06 0.44 4.00
N GLY A 243 0.66 1.10 3.00
CA GLY A 243 0.27 0.82 1.61
C GLY A 243 1.14 -0.26 1.00
N LEU A 244 0.51 -1.35 0.52
CA LEU A 244 1.25 -2.47 -0.05
C LEU A 244 1.98 -2.06 -1.32
N GLU A 245 1.37 -1.22 -2.16
CA GLU A 245 2.06 -0.84 -3.41
C GLU A 245 3.31 -0.04 -3.12
N ARG A 246 3.32 0.73 -2.03
CA ARG A 246 4.55 1.43 -1.65
C ARG A 246 5.61 0.45 -1.15
N LEU A 247 5.21 -0.56 -0.37
CA LEU A 247 6.18 -1.59 0.01
C LEU A 247 6.78 -2.26 -1.23
N LEU A 248 5.93 -2.59 -2.23
CA LEU A 248 6.41 -3.19 -3.47
C LEU A 248 7.35 -2.24 -4.22
N LYS A 249 7.02 -0.94 -4.25
CA LYS A 249 7.88 0.04 -4.92
C LYS A 249 9.28 0.03 -4.32
N VAL A 250 9.39 -0.04 -2.99
CA VAL A 250 10.68 -0.11 -2.34
C VAL A 250 11.37 -1.43 -2.69
N LYS A 251 10.67 -2.55 -2.51
CA LYS A 251 11.28 -3.85 -2.70
C LYS A 251 11.83 -4.04 -4.11
N HIS A 252 11.17 -3.47 -5.12
CA HIS A 252 11.54 -3.74 -6.50
C HIS A 252 12.16 -2.54 -7.16
N ASP A 253 12.38 -1.46 -6.41
N ASP A 253 12.39 -1.46 -6.42
CA ASP A 253 13.03 -0.25 -6.93
CA ASP A 253 13.02 -0.25 -6.96
C ASP A 253 12.26 0.34 -8.11
C ASP A 253 12.25 0.34 -8.13
N PHE A 254 10.93 0.27 -8.07
CA PHE A 254 10.14 0.88 -9.13
C PHE A 254 10.25 2.40 -9.07
N LYS A 255 10.36 3.00 -10.25
CA LYS A 255 10.38 4.46 -10.33
C LYS A 255 8.99 5.02 -10.12
N ASN A 256 7.95 4.33 -10.58
CA ASN A 256 6.59 4.81 -10.44
CA ASN A 256 6.64 4.83 -10.25
C ASN A 256 5.71 3.73 -9.82
N ILE A 257 4.85 4.14 -8.89
CA ILE A 257 4.02 3.21 -8.18
C ILE A 257 3.03 2.47 -9.05
N LYS A 258 2.74 2.96 -10.25
CA LYS A 258 1.81 2.23 -11.11
C LYS A 258 2.33 0.85 -11.45
N ARG A 259 3.65 0.64 -11.39
CA ARG A 259 4.21 -0.68 -11.66
C ARG A 259 3.72 -1.71 -10.70
N ALA A 260 3.28 -1.27 -9.51
CA ALA A 260 2.89 -2.11 -8.42
C ALA A 260 1.39 -2.29 -8.31
N ALA A 261 0.63 -1.49 -9.01
CA ALA A 261 -0.80 -1.35 -8.82
C ALA A 261 -1.57 -2.49 -9.48
N ARG A 262 -2.83 -2.64 -9.06
CA ARG A 262 -3.81 -3.35 -9.88
C ARG A 262 -3.88 -2.66 -11.21
N SER A 263 -3.80 -3.45 -12.27
CA SER A 263 -3.52 -2.82 -13.53
C SER A 263 -3.77 -3.83 -14.62
N GLY A 264 -4.16 -3.35 -15.78
CA GLY A 264 -4.05 -4.12 -16.98
C GLY A 264 -2.78 -3.83 -17.74
N SER A 265 -2.00 -2.83 -17.31
CA SER A 265 -0.83 -2.33 -18.05
CA SER A 265 -0.83 -2.36 -18.06
C SER A 265 0.51 -2.91 -17.59
N TYR A 266 0.59 -3.48 -16.38
CA TYR A 266 1.82 -4.10 -15.90
C TYR A 266 1.44 -5.35 -15.16
N TYR A 267 2.26 -6.39 -15.33
CA TYR A 267 2.18 -7.62 -14.56
C TYR A 267 3.49 -7.76 -13.79
N ASN A 268 3.46 -7.68 -12.46
CA ASN A 268 4.66 -7.82 -11.65
C ASN A 268 5.76 -6.86 -12.14
N GLY A 269 5.33 -5.63 -12.49
CA GLY A 269 6.25 -4.60 -12.94
C GLY A 269 6.64 -4.68 -14.41
N ILE A 270 6.14 -5.66 -15.16
CA ILE A 270 6.52 -5.87 -16.58
C ILE A 270 5.38 -5.36 -17.43
N SER A 271 5.69 -4.52 -18.43
CA SER A 271 4.64 -4.03 -19.30
C SER A 271 3.89 -5.19 -19.95
N THR A 272 2.55 -5.07 -19.98
CA THR A 272 1.75 -6.03 -20.72
C THR A 272 1.51 -5.62 -22.15
N ASN A 273 2.15 -4.53 -22.62
CA ASN A 273 2.01 -4.07 -23.99
C ASN A 273 3.26 -4.49 -24.75
N LEU A 274 3.25 -5.74 -25.18
CA LEU A 274 4.43 -6.41 -25.76
C LEU A 274 4.17 -6.87 -27.20
MG MG B . -2.57 11.53 1.39
MG MG C . -0.02 9.23 6.78
MG MG D . 1.23 11.59 4.88
PG ATP E . 0.53 10.66 1.80
O1G ATP E . 0.93 11.73 2.84
O2G ATP E . -0.60 11.14 0.89
O3G ATP E . 1.68 10.01 1.09
PB ATP E . -1.25 9.73 3.76
O1B ATP E . -0.58 10.25 5.05
O2B ATP E . -2.33 10.52 3.13
O3B ATP E . -0.12 9.42 2.67
PA ATP E . -2.42 7.64 5.38
O1A ATP E . -1.35 7.75 6.48
O2A ATP E . -3.79 8.25 5.52
O3A ATP E . -1.73 8.22 3.98
O5' ATP E . -2.61 6.11 4.93
C5' ATP E . -1.79 5.05 5.44
C4' ATP E . -0.83 4.56 4.35
O4' ATP E . -1.52 4.22 3.13
C3' ATP E . 0.17 5.57 3.85
O3' ATP E . 1.29 5.66 4.75
C2' ATP E . 0.60 5.02 2.50
O2' ATP E . 1.55 3.94 2.59
C1' ATP E . -0.67 4.39 1.97
N9 ATP E . -1.42 5.33 1.09
C8 ATP E . -2.21 6.40 1.42
N7 ATP E . -2.71 6.99 0.32
C5 ATP E . -2.24 6.32 -0.77
C6 ATP E . -2.41 6.40 -2.21
N6 ATP E . -3.23 7.32 -2.74
N1 ATP E . -1.74 5.48 -2.92
C2 ATP E . -0.98 4.54 -2.38
N3 ATP E . -0.78 4.38 -1.06
C4 ATP E . -1.41 5.25 -0.25
C10 9TU F . -8.82 1.97 15.56
C13 9TU F . -6.47 1.96 13.42
CD 9TU F . -4.47 3.54 11.80
CA 9TU F . -4.93 5.50 9.41
C 9TU F . -4.95 6.22 8.06
C26 9TU F . -9.47 2.44 17.85
N1 9TU F . -10.39 6.44 16.69
N2 9TU F . -11.46 5.86 17.09
C3 9TU F . -10.84 5.26 15.91
C4 9TU F . -11.53 5.41 14.56
F5 9TU F . -11.48 4.32 13.77
F6 9TU F . -10.97 6.43 13.90
F7 9TU F . -12.80 5.71 14.82
C8 9TU F . -10.11 3.93 16.14
C9 9TU F . -9.47 3.14 15.15
C11 9TU F . -8.11 0.86 14.73
O12 9TU F . -7.67 1.21 13.40
O14 9TU F . -5.46 1.39 13.65
NZ 9TU F . -6.38 3.40 13.21
CE 9TU F . -5.03 3.94 13.15
CG 9TU F . -3.50 4.56 11.22
CB 9TU F . -3.71 4.62 9.71
N 9TU F . -6.18 4.71 9.51
OXT 9TU F . -5.04 5.49 6.91
O 9TU F . -4.93 7.59 8.05
C25 9TU F . -8.87 1.66 16.89
C27 9TU F . -10.08 3.58 17.44
K K G . 16.73 0.81 -15.50
K K H . -5.83 0.34 -10.40
#